data_5T6H
#
_entry.id   5T6H
#
_cell.length_a   50.432
_cell.length_b   58.895
_cell.length_c   152.787
_cell.angle_alpha   90.00
_cell.angle_beta   90.00
_cell.angle_gamma   90.00
#
_symmetry.space_group_name_H-M   'P 21 21 21'
#
loop_
_entity.id
_entity.type
_entity.pdbx_description
1 polymer 'Glycylpeptide N-tetradecanoyltransferase'
2 non-polymer TETRADECANOYL-COA
3 non-polymer 1-(4-{3,5-dichloro-4-[(2,6-dimethylpyridin-3-yl)methoxy]phenyl}pyridin-2-yl)piperazine
4 water water
#
_entity_poly.entity_id   1
_entity_poly.type   'polypeptide(L)'
_entity_poly.pdbx_seq_one_letter_code
;GPRSQTQPVPRFDETSTDTGGPIKIIDPEKVSKEPDALLEGFEWATLDLTNETELQELWDLLTYHYVEDDNAMFRFRYSQ
SFLHWALMSPGWKKEWHVGVRATKSRKLVASICGVPTEINVRNQKLKVVEINFLCIHKKLRSKRLTPVLIKEITRRCYLN
GIYQAIYTAGVVLPTPVSSCRYYHRPLDWLKLYEVGFSPLPAGSTKARQITKNHLPSTTSTPGLRPMEPKDIDTVHDLLQ
RYLSRFALNQAFTREEVDHWLVHKPETVKEQVVWAYVVEDPETHKITDFFSFYNLESTVIQNPKHDNVRAAYLYYYATET
AFTNNMKALKERLLMLMNDALILAKKAHFDVFNALTLHDNPLFLEQLKFGAGDGQLHFYLYNYRTAPVPGGVNEKNLPDE
KRMGGVGIVML
;
_entity_poly.pdbx_strand_id   A
#
loop_
_chem_comp.id
_chem_comp.type
_chem_comp.name
_chem_comp.formula
75Q non-polymer 1-(4-{3,5-dichloro-4-[(2,6-dimethylpyridin-3-yl)methoxy]phenyl}pyridin-2-yl)piperazine 'C23 H24 Cl2 N4 O'
MYA non-polymer TETRADECANOYL-COA 'C35 H62 N7 O17 P3 S'
#
# COMPACT_ATOMS: atom_id res chain seq x y z
N GLY A 20 3.42 22.42 -12.30
CA GLY A 20 2.35 22.29 -11.27
C GLY A 20 2.63 23.12 -10.03
N GLY A 21 1.72 23.05 -9.07
CA GLY A 21 1.81 23.84 -7.85
C GLY A 21 0.56 23.74 -7.03
N PRO A 22 0.56 24.38 -5.87
CA PRO A 22 -0.64 24.39 -5.02
C PRO A 22 -1.80 25.07 -5.68
N ILE A 23 -3.00 24.68 -5.34
CA ILE A 23 -4.17 25.25 -5.95
C ILE A 23 -4.56 26.53 -5.22
N LYS A 24 -4.52 26.49 -3.91
CA LYS A 24 -4.78 27.66 -3.08
C LYS A 24 -3.85 27.72 -1.87
N ILE A 25 -3.65 28.93 -1.34
CA ILE A 25 -2.90 29.13 -0.14
C ILE A 25 -3.83 29.22 1.06
N ILE A 26 -3.53 28.46 2.12
CA ILE A 26 -4.40 28.46 3.29
C ILE A 26 -4.00 29.55 4.25
N ASP A 27 -4.98 30.32 4.68
CA ASP A 27 -4.76 31.39 5.63
C ASP A 27 -4.69 30.78 7.04
N PRO A 28 -3.52 30.74 7.64
CA PRO A 28 -3.43 30.13 8.95
C PRO A 28 -4.28 30.86 9.98
N GLU A 29 -4.50 32.16 9.77
CA GLU A 29 -5.29 32.96 10.72
C GLU A 29 -6.75 32.56 10.74
N LYS A 30 -7.24 31.92 9.69
CA LYS A 30 -8.67 31.67 9.56
C LYS A 30 -9.04 30.18 9.72
N VAL A 31 -8.08 29.35 10.08
CA VAL A 31 -8.42 27.95 10.32
C VAL A 31 -9.23 27.85 11.63
N SER A 32 -10.36 27.19 11.56
CA SER A 32 -11.25 27.09 12.71
C SER A 32 -10.69 26.23 13.82
N LYS A 33 -10.78 26.72 15.04
CA LYS A 33 -10.32 25.98 16.21
C LYS A 33 -11.31 24.93 16.67
N GLU A 34 -12.53 24.99 16.16
CA GLU A 34 -13.58 24.05 16.56
C GLU A 34 -14.08 23.27 15.33
N PRO A 35 -14.38 21.97 15.51
CA PRO A 35 -14.90 21.13 14.44
C PRO A 35 -16.37 21.39 14.15
N ASP A 36 -16.81 21.06 12.96
CA ASP A 36 -18.23 21.16 12.60
C ASP A 36 -19.10 20.20 13.41
N ALA A 37 -20.40 20.44 13.42
CA ALA A 37 -21.33 19.51 14.04
C ALA A 37 -21.45 18.19 13.32
N LEU A 38 -21.86 17.17 14.07
CA LEU A 38 -22.10 15.83 13.58
C LEU A 38 -23.57 15.46 13.69
N LEU A 39 -23.97 14.43 12.97
CA LEU A 39 -25.27 13.77 13.17
C LEU A 39 -25.59 13.58 14.66
N GLU A 40 -26.83 13.93 15.02
CA GLU A 40 -27.26 13.77 16.36
C GLU A 40 -26.96 12.39 16.95
N GLY A 41 -26.40 12.36 18.15
CA GLY A 41 -26.08 11.12 18.80
C GLY A 41 -24.62 10.70 18.59
N PHE A 42 -23.87 11.51 17.84
CA PHE A 42 -22.47 11.15 17.53
C PHE A 42 -21.54 12.29 17.91
N GLU A 43 -20.28 11.97 18.16
CA GLU A 43 -19.36 12.97 18.55
C GLU A 43 -17.95 12.64 18.02
N TRP A 44 -17.13 13.68 17.90
CA TRP A 44 -15.72 13.52 17.48
C TRP A 44 -14.89 12.87 18.56
N ALA A 45 -13.93 12.06 18.16
CA ALA A 45 -12.98 11.53 19.12
C ALA A 45 -11.61 11.39 18.46
N THR A 46 -10.61 11.91 19.11
CA THR A 46 -9.23 11.61 18.72
C THR A 46 -8.89 10.25 19.26
N LEU A 47 -8.33 9.37 18.44
CA LEU A 47 -7.94 8.04 18.91
C LEU A 47 -6.47 8.11 19.38
N ASP A 48 -6.16 7.30 20.37
CA ASP A 48 -4.78 7.14 20.87
C ASP A 48 -4.37 5.68 20.61
N LEU A 49 -3.71 5.45 19.49
CA LEU A 49 -3.44 4.10 19.07
C LEU A 49 -2.30 3.44 19.85
N THR A 50 -1.69 4.19 20.76
CA THR A 50 -0.76 3.63 21.74
C THR A 50 -1.51 2.90 22.85
N ASN A 51 -2.82 3.16 22.96
CA ASN A 51 -3.69 2.45 23.90
C ASN A 51 -4.23 1.23 23.19
N GLU A 52 -3.95 0.05 23.72
CA GLU A 52 -4.27 -1.18 23.00
C GLU A 52 -5.76 -1.34 22.83
N THR A 53 -6.53 -0.84 23.80
CA THR A 53 -7.96 -0.92 23.70
C THR A 53 -8.49 -0.11 22.49
N GLU A 54 -7.88 1.05 22.25
CA GLU A 54 -8.33 1.91 21.17
C GLU A 54 -7.86 1.38 19.81
N LEU A 55 -6.66 0.82 19.79
CA LEU A 55 -6.21 0.11 18.58
C LEU A 55 -7.17 -1.03 18.25
N GLN A 56 -7.59 -1.75 19.28
CA GLN A 56 -8.59 -2.82 19.14
C GLN A 56 -9.91 -2.32 18.60
N GLU A 57 -10.35 -1.17 19.11
CA GLU A 57 -11.59 -0.56 18.60
C GLU A 57 -11.53 -0.25 17.12
N LEU A 58 -10.43 0.34 16.67
CA LEU A 58 -10.28 0.63 15.25
C LEU A 58 -10.26 -0.67 14.44
N TRP A 59 -9.52 -1.67 14.93
CA TRP A 59 -9.47 -2.96 14.26
C TRP A 59 -10.88 -3.58 14.17
N ASP A 60 -11.63 -3.51 15.25
CA ASP A 60 -12.99 -4.07 15.24
C ASP A 60 -13.85 -3.38 14.15
N LEU A 61 -13.73 -2.05 14.03
CA LEU A 61 -14.44 -1.33 12.98
C LEU A 61 -14.00 -1.82 11.58
N LEU A 62 -12.70 -1.76 11.32
CA LEU A 62 -12.22 -2.07 9.96
C LEU A 62 -12.50 -3.50 9.60
N THR A 63 -12.39 -4.40 10.57
CA THR A 63 -12.54 -5.82 10.25
C THR A 63 -13.95 -6.15 9.70
N TYR A 64 -14.94 -5.45 10.20
CA TYR A 64 -16.33 -5.70 9.75
C TYR A 64 -16.89 -4.68 8.76
N HIS A 65 -16.21 -3.56 8.59
CA HIS A 65 -16.75 -2.45 7.80
C HIS A 65 -15.81 -1.84 6.76
N TYR A 66 -14.61 -2.40 6.58
CA TYR A 66 -13.70 -1.80 5.63
C TYR A 66 -13.91 -2.35 4.21
N VAL A 67 -12.99 -2.11 3.33
CA VAL A 67 -13.15 -2.36 1.87
C VAL A 67 -13.47 -3.81 1.55
N GLU A 68 -14.56 -4.02 0.79
CA GLU A 68 -14.92 -5.35 0.22
C GLU A 68 -14.87 -5.32 -1.31
N ASP A 69 -14.70 -6.50 -1.92
CA ASP A 69 -14.78 -6.57 -3.40
C ASP A 69 -16.24 -6.43 -3.81
N ASP A 70 -16.47 -6.23 -5.10
CA ASP A 70 -17.82 -5.98 -5.60
C ASP A 70 -18.76 -7.18 -5.48
N ASN A 71 -18.23 -8.39 -5.22
CA ASN A 71 -19.05 -9.59 -5.05
C ASN A 71 -19.26 -9.97 -3.63
N ALA A 72 -18.81 -9.11 -2.69
CA ALA A 72 -18.98 -9.37 -1.29
C ALA A 72 -18.45 -10.73 -0.88
N MET A 73 -17.31 -11.11 -1.46
CA MET A 73 -16.63 -12.34 -1.09
C MET A 73 -15.47 -12.15 -0.14
N PHE A 74 -14.82 -10.99 -0.22
CA PHE A 74 -13.62 -10.72 0.57
C PHE A 74 -13.67 -9.34 1.20
N ARG A 75 -13.01 -9.21 2.35
CA ARG A 75 -12.90 -7.87 2.99
C ARG A 75 -11.47 -7.73 3.51
N PHE A 76 -10.82 -6.61 3.22
CA PHE A 76 -9.47 -6.40 3.77
C PHE A 76 -9.49 -6.60 5.27
N ARG A 77 -8.44 -7.24 5.78
CA ARG A 77 -8.37 -7.52 7.21
C ARG A 77 -7.01 -7.04 7.69
N TYR A 78 -6.84 -5.71 7.75
CA TYR A 78 -5.63 -5.16 8.29
C TYR A 78 -5.44 -5.67 9.72
N SER A 79 -4.24 -6.15 10.04
CA SER A 79 -4.01 -6.67 11.39
C SER A 79 -3.76 -5.54 12.37
N GLN A 80 -3.87 -5.82 13.68
CA GLN A 80 -3.52 -4.78 14.66
C GLN A 80 -2.07 -4.39 14.54
N SER A 81 -1.21 -5.39 14.29
CA SER A 81 0.21 -5.10 14.09
C SER A 81 0.43 -4.23 12.84
N PHE A 82 -0.32 -4.49 11.77
CA PHE A 82 -0.26 -3.66 10.59
C PHE A 82 -0.69 -2.22 10.87
N LEU A 83 -1.81 -2.07 11.59
CA LEU A 83 -2.33 -0.72 11.89
C LEU A 83 -1.34 0.07 12.76
N HIS A 84 -0.72 -0.60 13.72
CA HIS A 84 0.30 -0.02 14.55
C HIS A 84 1.46 0.52 13.70
N TRP A 85 1.89 -0.26 12.76
CA TRP A 85 2.96 0.06 11.83
C TRP A 85 2.53 1.18 10.85
N ALA A 86 1.33 1.06 10.30
CA ALA A 86 0.92 1.97 9.23
C ALA A 86 0.62 3.37 9.74
N LEU A 87 0.20 3.47 11.00
CA LEU A 87 -0.35 4.72 11.52
C LEU A 87 0.54 5.46 12.51
N MET A 88 1.59 4.79 12.99
CA MET A 88 2.50 5.44 13.94
C MET A 88 3.90 5.44 13.34
N SER A 89 3.95 5.91 12.13
CA SER A 89 5.19 6.05 11.37
C SER A 89 5.88 7.38 11.68
N PRO A 90 7.10 7.59 11.14
CA PRO A 90 7.82 8.75 11.66
C PRO A 90 7.07 10.07 11.47
N GLY A 91 7.03 10.84 12.53
CA GLY A 91 6.38 12.14 12.51
C GLY A 91 4.87 12.09 12.79
N TRP A 92 4.33 10.91 13.02
CA TRP A 92 2.92 10.77 13.26
C TRP A 92 2.42 11.63 14.42
N LYS A 93 1.15 11.96 14.35
CA LYS A 93 0.42 12.74 15.37
C LYS A 93 -0.90 12.09 15.66
N LYS A 94 -1.25 11.91 16.93
CA LYS A 94 -2.55 11.36 17.28
C LYS A 94 -3.69 12.21 16.73
N GLU A 95 -3.46 13.52 16.58
CA GLU A 95 -4.53 14.44 16.08
C GLU A 95 -5.04 14.03 14.75
N TRP A 96 -4.26 13.26 13.99
CA TRP A 96 -4.65 12.90 12.67
C TRP A 96 -5.24 11.47 12.64
N HIS A 97 -5.53 10.92 13.81
CA HIS A 97 -6.23 9.67 13.90
C HIS A 97 -7.64 9.97 14.40
N VAL A 98 -8.55 10.14 13.47
CA VAL A 98 -9.84 10.78 13.75
C VAL A 98 -10.91 9.69 13.82
N GLY A 99 -11.68 9.69 14.90
CA GLY A 99 -12.82 8.83 15.03
C GLY A 99 -14.11 9.56 15.28
N VAL A 100 -15.21 8.83 15.10
CA VAL A 100 -16.54 9.26 15.51
C VAL A 100 -17.13 8.21 16.41
N ARG A 101 -17.61 8.63 17.56
CA ARG A 101 -18.22 7.71 18.47
C ARG A 101 -19.73 7.99 18.62
N ALA A 102 -20.45 6.95 18.93
CA ALA A 102 -21.86 7.06 19.44
C ALA A 102 -21.80 7.56 20.87
N THR A 103 -22.51 8.64 21.14
CA THR A 103 -22.47 9.31 22.42
C THR A 103 -22.94 8.35 23.53
N LYS A 104 -23.95 7.55 23.25
CA LYS A 104 -24.60 6.71 24.29
C LYS A 104 -23.75 5.50 24.63
N SER A 105 -23.41 4.70 23.63
CA SER A 105 -22.72 3.45 23.81
C SER A 105 -21.20 3.62 23.87
N ARG A 106 -20.75 4.77 23.38
CA ARG A 106 -19.31 5.09 23.17
C ARG A 106 -18.65 4.34 22.02
N LYS A 107 -19.40 3.51 21.32
CA LYS A 107 -18.85 2.66 20.24
C LYS A 107 -18.22 3.53 19.13
N LEU A 108 -17.07 3.08 18.62
CA LEU A 108 -16.42 3.76 17.47
C LEU A 108 -17.18 3.37 16.17
N VAL A 109 -17.70 4.33 15.45
CA VAL A 109 -18.52 4.06 14.27
C VAL A 109 -17.98 4.58 12.97
N ALA A 110 -16.88 5.34 13.07
CA ALA A 110 -16.27 5.89 11.84
C ALA A 110 -14.82 6.28 12.12
N SER A 111 -14.03 6.27 11.05
CA SER A 111 -12.60 6.68 11.13
C SER A 111 -12.11 7.33 9.87
N ILE A 112 -11.09 8.13 10.03
CA ILE A 112 -10.29 8.64 8.91
C ILE A 112 -8.92 9.03 9.49
N CYS A 113 -7.86 8.60 8.83
CA CYS A 113 -6.51 8.67 9.42
C CYS A 113 -5.53 9.31 8.44
N GLY A 114 -4.59 10.06 8.99
CA GLY A 114 -3.49 10.47 8.20
C GLY A 114 -2.13 10.27 8.86
N VAL A 115 -1.08 10.16 8.06
CA VAL A 115 0.29 10.18 8.57
C VAL A 115 1.10 11.09 7.63
N PRO A 116 2.15 11.73 8.13
CA PRO A 116 2.92 12.67 7.29
C PRO A 116 4.04 12.00 6.49
N THR A 117 4.35 12.57 5.33
CA THR A 117 5.51 12.18 4.61
C THR A 117 5.81 13.27 3.60
N GLU A 118 6.93 13.18 2.92
CA GLU A 118 7.24 14.13 1.84
C GLU A 118 7.16 13.39 0.52
N ILE A 119 6.59 14.04 -0.50
CA ILE A 119 6.59 13.45 -1.83
C ILE A 119 7.31 14.38 -2.80
N ASN A 120 7.83 13.80 -3.88
CA ASN A 120 8.32 14.55 -5.04
C ASN A 120 7.27 14.49 -6.12
N VAL A 121 6.84 15.65 -6.58
CA VAL A 121 5.90 15.74 -7.67
C VAL A 121 6.58 16.52 -8.80
N ARG A 122 7.05 15.80 -9.78
CA ARG A 122 7.86 16.38 -10.90
C ARG A 122 8.95 17.29 -10.33
N ASN A 123 9.74 16.65 -9.47
CA ASN A 123 10.88 17.21 -8.70
C ASN A 123 10.57 18.55 -7.97
N GLN A 124 9.34 18.71 -7.50
CA GLN A 124 9.03 19.67 -6.48
C GLN A 124 8.76 18.82 -5.23
N LYS A 125 9.44 19.10 -4.14
CA LYS A 125 9.26 18.35 -2.90
C LYS A 125 8.12 18.96 -2.13
N LEU A 126 7.19 18.13 -1.63
CA LEU A 126 6.02 18.65 -0.92
C LEU A 126 5.82 17.92 0.37
N LYS A 127 5.49 18.65 1.44
CA LYS A 127 5.06 18.05 2.70
C LYS A 127 3.58 17.75 2.60
N VAL A 128 3.20 16.48 2.81
CA VAL A 128 1.81 16.10 2.68
C VAL A 128 1.39 15.19 3.85
N VAL A 129 0.09 14.98 3.94
CA VAL A 129 -0.47 13.88 4.71
C VAL A 129 -0.93 12.81 3.73
N GLU A 130 -0.68 11.55 4.10
CA GLU A 130 -1.27 10.39 3.41
C GLU A 130 -2.55 10.02 4.14
N ILE A 131 -3.66 10.03 3.44
CA ILE A 131 -4.96 9.77 4.04
C ILE A 131 -5.39 8.34 3.74
N ASN A 132 -5.83 7.62 4.76
CA ASN A 132 -6.14 6.23 4.65
C ASN A 132 -7.17 5.87 5.75
N PHE A 133 -7.75 4.67 5.60
CA PHE A 133 -8.63 4.08 6.57
C PHE A 133 -9.85 4.98 6.85
N LEU A 134 -10.36 5.55 5.79
CA LEU A 134 -11.69 6.20 5.81
C LEU A 134 -12.69 5.06 5.89
N CYS A 135 -13.51 5.05 6.94
CA CYS A 135 -14.42 3.95 7.17
C CYS A 135 -15.64 4.40 7.94
N ILE A 136 -16.82 4.06 7.44
CA ILE A 136 -18.10 4.29 8.13
C ILE A 136 -18.77 2.95 8.36
N HIS A 137 -19.20 2.72 9.59
CA HIS A 137 -20.04 1.57 9.95
C HIS A 137 -21.18 1.43 8.97
N LYS A 138 -21.43 0.18 8.52
CA LYS A 138 -22.47 -0.09 7.52
C LYS A 138 -23.81 0.56 7.86
N LYS A 139 -24.15 0.57 9.13
CA LYS A 139 -25.44 1.15 9.55
C LYS A 139 -25.56 2.66 9.41
N LEU A 140 -24.44 3.34 9.18
CA LEU A 140 -24.41 4.79 9.01
C LEU A 140 -24.05 5.25 7.60
N ARG A 141 -24.10 4.34 6.65
CA ARG A 141 -23.79 4.66 5.28
C ARG A 141 -24.87 5.49 4.63
N SER A 142 -24.48 6.20 3.59
CA SER A 142 -25.38 7.00 2.77
C SER A 142 -26.03 8.09 3.57
N LYS A 143 -25.32 8.61 4.56
CA LYS A 143 -25.78 9.75 5.34
C LYS A 143 -24.90 10.98 5.14
N ARG A 144 -24.02 10.94 4.13
CA ARG A 144 -23.14 12.04 3.80
C ARG A 144 -22.21 12.42 4.95
N LEU A 145 -21.88 11.44 5.77
CA LEU A 145 -20.83 11.61 6.81
C LEU A 145 -19.43 11.72 6.23
N THR A 146 -19.20 11.15 5.04
CA THR A 146 -17.89 11.23 4.44
C THR A 146 -17.33 12.65 4.21
N PRO A 147 -18.14 13.56 3.62
CA PRO A 147 -17.56 14.91 3.47
C PRO A 147 -17.30 15.59 4.79
N VAL A 148 -18.07 15.21 5.83
CA VAL A 148 -17.84 15.74 7.15
C VAL A 148 -16.52 15.19 7.73
N LEU A 149 -16.26 13.89 7.52
CA LEU A 149 -14.97 13.31 7.99
C LEU A 149 -13.81 13.97 7.29
N ILE A 150 -13.94 14.11 5.95
CA ILE A 150 -12.88 14.71 5.17
C ILE A 150 -12.58 16.16 5.59
N LYS A 151 -13.64 16.97 5.75
CA LYS A 151 -13.49 18.36 6.13
C LYS A 151 -12.77 18.44 7.49
N GLU A 152 -13.08 17.51 8.39
CA GLU A 152 -12.47 17.61 9.73
C GLU A 152 -10.98 17.23 9.76
N ILE A 153 -10.60 16.17 9.05
CA ILE A 153 -9.19 15.81 9.05
C ILE A 153 -8.41 16.89 8.30
N THR A 154 -9.04 17.47 7.31
CA THR A 154 -8.46 18.64 6.61
C THR A 154 -8.14 19.75 7.64
N ARG A 155 -9.10 20.10 8.46
CA ARG A 155 -8.95 21.13 9.48
C ARG A 155 -7.80 20.85 10.41
N ARG A 156 -7.74 19.61 10.91
CA ARG A 156 -6.70 19.22 11.80
C ARG A 156 -5.30 19.25 11.14
N CYS A 157 -5.25 18.96 9.85
CA CYS A 157 -3.98 19.07 9.11
C CYS A 157 -3.59 20.55 8.93
N TYR A 158 -4.56 21.37 8.51
CA TYR A 158 -4.32 22.83 8.37
C TYR A 158 -3.80 23.43 9.64
N LEU A 159 -4.31 23.01 10.80
CA LEU A 159 -3.83 23.54 12.07
C LEU A 159 -2.37 23.18 12.41
N ASN A 160 -1.88 22.10 11.81
CA ASN A 160 -0.48 21.71 11.98
C ASN A 160 0.38 22.08 10.78
N GLY A 161 -0.08 22.99 9.97
CA GLY A 161 0.74 23.48 8.82
C GLY A 161 0.91 22.54 7.63
N ILE A 162 -0.03 21.63 7.41
CA ILE A 162 -0.04 20.75 6.28
C ILE A 162 -1.25 21.10 5.40
N TYR A 163 -1.01 21.35 4.10
CA TYR A 163 -2.01 21.90 3.23
C TYR A 163 -2.26 21.10 1.97
N GLN A 164 -1.54 19.98 1.83
CA GLN A 164 -1.66 19.11 0.70
C GLN A 164 -1.74 17.64 1.23
N ALA A 165 -2.35 16.80 0.44
CA ALA A 165 -2.50 15.38 0.76
C ALA A 165 -2.33 14.52 -0.45
N ILE A 166 -2.01 13.26 -0.22
CA ILE A 166 -2.02 12.26 -1.27
C ILE A 166 -2.83 11.13 -0.74
N TYR A 167 -3.65 10.55 -1.59
CA TYR A 167 -4.40 9.35 -1.20
C TYR A 167 -4.69 8.46 -2.38
N THR A 168 -5.03 7.21 -2.09
CA THR A 168 -5.56 6.34 -3.13
C THR A 168 -6.97 5.91 -2.78
N ALA A 169 -7.72 5.50 -3.80
CA ALA A 169 -9.08 4.93 -3.59
C ALA A 169 -9.45 4.09 -4.78
N GLY A 170 -10.36 3.13 -4.59
CA GLY A 170 -10.83 2.36 -5.71
C GLY A 170 -11.91 3.06 -6.51
N VAL A 171 -12.47 4.12 -5.98
CA VAL A 171 -13.52 4.85 -6.66
C VAL A 171 -12.94 6.01 -7.47
N VAL A 172 -13.65 6.37 -8.54
CA VAL A 172 -13.23 7.48 -9.36
C VAL A 172 -13.82 8.78 -8.80
N LEU A 173 -12.93 9.67 -8.44
CA LEU A 173 -13.25 11.01 -7.93
C LEU A 173 -12.61 12.05 -8.87
N PRO A 174 -12.95 13.33 -8.72
CA PRO A 174 -12.37 14.31 -9.61
C PRO A 174 -10.83 14.31 -9.74
N THR A 175 -10.35 14.43 -10.97
CA THR A 175 -8.97 14.64 -11.29
C THR A 175 -8.01 13.62 -10.62
N PRO A 176 -8.14 12.33 -10.95
CA PRO A 176 -7.03 11.44 -10.54
C PRO A 176 -5.70 11.85 -11.20
N VAL A 177 -4.60 11.70 -10.47
CA VAL A 177 -3.28 11.92 -11.01
C VAL A 177 -2.78 10.72 -11.78
N SER A 178 -3.20 9.53 -11.37
CA SER A 178 -2.90 8.34 -12.14
C SER A 178 -3.84 7.23 -11.72
N SER A 179 -3.79 6.12 -12.45
CA SER A 179 -4.51 4.93 -12.17
C SER A 179 -3.64 3.72 -12.49
N CYS A 180 -3.68 2.71 -11.63
CA CYS A 180 -2.82 1.53 -11.81
C CYS A 180 -3.69 0.28 -11.67
N ARG A 181 -3.39 -0.75 -12.45
CA ARG A 181 -4.19 -1.97 -12.35
C ARG A 181 -3.53 -2.97 -11.38
N TYR A 182 -4.37 -3.67 -10.63
CA TYR A 182 -3.94 -4.75 -9.73
C TYR A 182 -3.61 -6.05 -10.49
N TYR A 183 -2.53 -6.70 -10.07
CA TYR A 183 -2.12 -7.99 -10.59
C TYR A 183 -1.94 -9.00 -9.47
N HIS A 184 -2.19 -10.30 -9.75
CA HIS A 184 -2.24 -11.29 -8.68
C HIS A 184 -1.52 -12.57 -9.06
N ARG A 185 -0.48 -12.90 -8.33
CA ARG A 185 0.34 -14.10 -8.60
C ARG A 185 -0.03 -15.20 -7.62
N PRO A 186 -0.68 -16.28 -8.13
CA PRO A 186 -1.03 -17.36 -7.22
C PRO A 186 0.19 -18.03 -6.63
N LEU A 187 0.20 -18.24 -5.33
CA LEU A 187 1.25 -18.99 -4.64
C LEU A 187 0.70 -20.37 -4.21
N ASP A 188 -0.48 -20.34 -3.64
CA ASP A 188 -1.27 -21.54 -3.31
C ASP A 188 -2.51 -21.50 -4.16
N TRP A 189 -2.39 -22.00 -5.39
CA TRP A 189 -3.50 -21.92 -6.31
C TRP A 189 -4.76 -22.61 -5.78
N LEU A 190 -4.60 -23.77 -5.18
CA LEU A 190 -5.76 -24.54 -4.74
C LEU A 190 -6.59 -23.80 -3.71
N LYS A 191 -5.90 -23.21 -2.75
CA LYS A 191 -6.60 -22.39 -1.77
C LYS A 191 -7.38 -21.26 -2.46
N LEU A 192 -6.73 -20.59 -3.43
CA LEU A 192 -7.36 -19.46 -4.11
C LEU A 192 -8.58 -19.92 -4.93
N TYR A 193 -8.47 -21.14 -5.44
CA TYR A 193 -9.59 -21.74 -6.20
C TYR A 193 -10.73 -22.05 -5.25
N GLU A 194 -10.40 -22.57 -4.07
CA GLU A 194 -11.41 -22.96 -3.08
C GLU A 194 -12.16 -21.78 -2.47
N VAL A 195 -11.49 -20.64 -2.37
CA VAL A 195 -12.16 -19.46 -1.82
C VAL A 195 -12.92 -18.65 -2.89
N GLY A 196 -12.81 -19.07 -4.14
CA GLY A 196 -13.54 -18.48 -5.21
C GLY A 196 -12.79 -17.38 -5.96
N PHE A 197 -11.54 -17.12 -5.57
CA PHE A 197 -10.75 -16.09 -6.22
C PHE A 197 -10.19 -16.49 -7.59
N SER A 198 -9.65 -17.70 -7.71
CA SER A 198 -8.98 -18.12 -8.94
C SER A 198 -9.87 -19.20 -9.59
N PRO A 199 -10.19 -19.01 -10.88
CA PRO A 199 -11.05 -19.94 -11.63
C PRO A 199 -10.31 -21.20 -12.05
N LEU A 200 -11.04 -22.28 -12.28
CA LEU A 200 -10.48 -23.42 -12.98
C LEU A 200 -10.81 -23.23 -14.45
N PRO A 201 -9.81 -22.87 -15.29
CA PRO A 201 -10.06 -22.55 -16.71
C PRO A 201 -10.51 -23.74 -17.58
N ALA A 202 -11.68 -24.33 -17.27
CA ALA A 202 -12.56 -24.90 -18.31
C ALA A 202 -12.15 -26.24 -18.95
N GLY A 203 -11.07 -26.23 -19.71
CA GLY A 203 -10.56 -27.51 -20.24
C GLY A 203 -9.50 -28.10 -19.32
N SER A 204 -9.28 -27.44 -18.20
CA SER A 204 -8.08 -27.69 -17.40
C SER A 204 -8.40 -28.50 -16.17
N THR A 205 -7.39 -28.71 -15.34
CA THR A 205 -7.55 -29.47 -14.10
C THR A 205 -6.78 -28.82 -12.97
N LYS A 206 -7.12 -29.18 -11.76
CA LYS A 206 -6.41 -28.69 -10.56
C LYS A 206 -4.93 -28.96 -10.68
N ALA A 207 -4.56 -30.20 -10.98
CA ALA A 207 -3.18 -30.51 -11.22
C ALA A 207 -2.53 -29.56 -12.21
N ARG A 208 -3.18 -29.26 -13.33
CA ARG A 208 -2.53 -28.46 -14.33
C ARG A 208 -2.31 -26.98 -13.86
N GLN A 209 -3.27 -26.48 -13.12
CA GLN A 209 -3.17 -25.08 -12.60
C GLN A 209 -2.06 -25.00 -11.52
N ILE A 210 -1.95 -26.04 -10.71
CA ILE A 210 -0.86 -26.16 -9.72
C ILE A 210 0.47 -26.22 -10.39
N THR A 211 0.57 -27.01 -11.47
CA THR A 211 1.81 -27.02 -12.24
C THR A 211 2.17 -25.65 -12.85
N LYS A 212 1.19 -25.01 -13.46
CA LYS A 212 1.41 -23.70 -14.08
C LYS A 212 2.04 -22.73 -13.04
N ASN A 213 1.54 -22.79 -11.81
CA ASN A 213 1.98 -21.86 -10.74
C ASN A 213 3.14 -22.33 -9.92
N HIS A 214 3.72 -23.46 -10.30
CA HIS A 214 4.80 -24.06 -9.54
C HIS A 214 6.02 -23.16 -9.45
N LEU A 215 6.57 -23.05 -8.26
CA LEU A 215 7.79 -22.26 -8.05
C LEU A 215 8.95 -23.14 -7.60
N PRO A 216 10.17 -22.76 -7.97
CA PRO A 216 11.39 -23.34 -7.39
C PRO A 216 11.44 -23.30 -5.86
N SER A 217 12.18 -24.23 -5.27
CA SER A 217 12.33 -24.33 -3.84
C SER A 217 13.38 -23.31 -3.31
N THR A 218 14.27 -22.87 -4.19
CA THR A 218 15.37 -21.98 -3.75
C THR A 218 15.44 -20.74 -4.61
N THR A 219 15.98 -19.66 -4.04
CA THR A 219 16.18 -18.42 -4.77
C THR A 219 17.43 -18.51 -5.63
N SER A 220 17.52 -17.62 -6.60
CA SER A 220 18.60 -17.66 -7.60
C SER A 220 19.55 -16.48 -7.55
N THR A 221 19.08 -15.32 -7.07
CA THR A 221 19.96 -14.14 -7.10
C THR A 221 21.13 -14.30 -6.12
N PRO A 222 22.36 -14.25 -6.63
CA PRO A 222 23.53 -14.43 -5.73
C PRO A 222 23.59 -13.29 -4.67
N GLY A 223 23.77 -13.65 -3.41
CA GLY A 223 24.00 -12.65 -2.38
C GLY A 223 22.73 -12.19 -1.70
N LEU A 224 21.58 -12.68 -2.18
CA LEU A 224 20.29 -12.37 -1.56
C LEU A 224 20.24 -12.77 -0.11
N ARG A 225 19.80 -11.87 0.76
CA ARG A 225 19.62 -12.18 2.15
C ARG A 225 18.60 -11.24 2.77
N PRO A 226 18.06 -11.58 3.93
CA PRO A 226 17.21 -10.62 4.63
C PRO A 226 17.91 -9.28 4.91
N MET A 227 17.19 -8.19 4.75
CA MET A 227 17.67 -6.87 5.16
C MET A 227 17.96 -6.83 6.63
N GLU A 228 19.05 -6.13 7.02
CA GLU A 228 19.43 -5.91 8.40
C GLU A 228 19.52 -4.42 8.69
N PRO A 229 19.44 -4.03 9.98
CA PRO A 229 19.61 -2.60 10.31
C PRO A 229 20.89 -1.99 9.76
N LYS A 230 21.94 -2.79 9.64
CA LYS A 230 23.19 -2.24 9.09
C LYS A 230 23.09 -1.78 7.65
N ASP A 231 22.07 -2.26 6.95
CA ASP A 231 21.81 -1.92 5.55
C ASP A 231 21.05 -0.61 5.29
N ILE A 232 20.60 0.06 6.33
CA ILE A 232 19.68 1.19 6.17
C ILE A 232 20.24 2.32 5.29
N ASP A 233 21.45 2.78 5.58
CA ASP A 233 21.96 3.90 4.82
C ASP A 233 22.11 3.57 3.33
N THR A 234 22.61 2.36 3.00
CA THR A 234 22.88 2.02 1.63
C THR A 234 21.58 1.74 0.88
N VAL A 235 20.66 1.03 1.53
CA VAL A 235 19.26 0.91 0.94
C VAL A 235 18.59 2.30 0.77
N HIS A 236 18.78 3.20 1.73
CA HIS A 236 18.22 4.56 1.63
C HIS A 236 18.72 5.24 0.37
N ASP A 237 20.04 5.22 0.18
CA ASP A 237 20.63 5.85 -0.99
C ASP A 237 20.13 5.24 -2.29
N LEU A 238 20.11 3.91 -2.37
CA LEU A 238 19.73 3.23 -3.57
C LEU A 238 18.26 3.45 -3.90
N LEU A 239 17.41 3.39 -2.88
CA LEU A 239 16.00 3.60 -3.09
C LEU A 239 15.70 4.99 -3.57
N GLN A 240 16.34 5.99 -3.00
CA GLN A 240 16.10 7.37 -3.38
C GLN A 240 16.53 7.63 -4.81
N ARG A 241 17.68 7.07 -5.19
CA ARG A 241 18.12 7.16 -6.61
C ARG A 241 17.18 6.47 -7.57
N TYR A 242 16.70 5.30 -7.19
CA TYR A 242 15.75 4.59 -8.05
C TYR A 242 14.40 5.36 -8.13
N LEU A 243 13.89 5.86 -7.00
CA LEU A 243 12.60 6.47 -6.99
C LEU A 243 12.60 7.79 -7.78
N SER A 244 13.79 8.39 -7.90
CA SER A 244 13.90 9.65 -8.60
C SER A 244 13.56 9.47 -10.10
N ARG A 245 13.54 8.22 -10.56
CA ARG A 245 13.15 7.88 -11.92
C ARG A 245 11.66 8.00 -12.16
N PHE A 246 10.88 8.37 -11.12
CA PHE A 246 9.45 8.48 -11.28
C PHE A 246 8.95 9.91 -11.00
N ALA A 247 8.04 10.34 -11.82
CA ALA A 247 7.47 11.69 -11.74
C ALA A 247 6.84 11.96 -10.36
N LEU A 248 6.11 10.97 -9.88
CA LEU A 248 5.50 11.02 -8.56
C LEU A 248 6.11 9.95 -7.64
N ASN A 249 6.77 10.38 -6.57
CA ASN A 249 7.43 9.40 -5.71
C ASN A 249 7.49 9.83 -4.25
N GLN A 250 7.76 8.89 -3.39
CA GLN A 250 7.90 9.17 -1.96
C GLN A 250 9.35 9.53 -1.67
N ALA A 251 9.55 10.68 -1.05
CA ALA A 251 10.88 11.18 -0.72
C ALA A 251 11.36 10.68 0.66
N PHE A 252 11.81 9.45 0.70
CA PHE A 252 12.14 8.74 1.93
C PHE A 252 13.19 9.45 2.78
N THR A 253 12.91 9.51 4.06
CA THR A 253 13.94 9.84 5.05
C THR A 253 14.57 8.57 5.59
N ARG A 254 15.69 8.71 6.32
CA ARG A 254 16.30 7.56 6.94
C ARG A 254 15.41 6.86 7.94
N GLU A 255 14.70 7.66 8.73
CA GLU A 255 13.74 7.11 9.68
C GLU A 255 12.65 6.30 8.98
N GLU A 256 12.21 6.79 7.85
CA GLU A 256 11.19 6.08 7.06
C GLU A 256 11.73 4.79 6.48
N VAL A 257 13.00 4.77 6.10
CA VAL A 257 13.61 3.49 5.67
C VAL A 257 13.59 2.51 6.81
N ASP A 258 14.03 2.95 7.99
CA ASP A 258 14.02 2.13 9.18
C ASP A 258 12.62 1.59 9.46
N HIS A 259 11.66 2.51 9.48
CA HIS A 259 10.28 2.15 9.87
C HIS A 259 9.58 1.27 8.85
N TRP A 260 9.64 1.66 7.61
CA TRP A 260 8.86 0.98 6.56
C TRP A 260 9.50 -0.29 6.03
N LEU A 261 10.81 -0.49 6.25
CA LEU A 261 11.48 -1.61 5.62
C LEU A 261 12.10 -2.62 6.59
N VAL A 262 12.44 -2.21 7.81
CA VAL A 262 13.16 -3.07 8.73
C VAL A 262 12.27 -3.62 9.85
N HIS A 263 11.84 -4.87 9.69
CA HIS A 263 11.04 -5.51 10.70
C HIS A 263 11.75 -5.53 12.06
N LYS A 264 11.00 -5.28 13.12
CA LYS A 264 11.52 -5.25 14.48
C LYS A 264 10.99 -6.43 15.30
N PRO A 265 11.64 -7.58 15.19
CA PRO A 265 11.15 -8.81 15.86
C PRO A 265 11.03 -8.73 17.38
N GLU A 266 11.80 -7.87 18.04
CA GLU A 266 11.75 -7.84 19.50
C GLU A 266 10.51 -7.12 20.02
N THR A 267 9.85 -6.36 19.17
CA THR A 267 8.72 -5.56 19.63
C THR A 267 7.48 -5.72 18.75
N VAL A 268 7.65 -6.42 17.63
CA VAL A 268 6.57 -6.72 16.70
C VAL A 268 6.40 -8.21 16.70
N LYS A 269 5.30 -8.64 17.30
CA LYS A 269 5.09 -10.07 17.46
C LYS A 269 4.51 -10.70 16.21
N GLU A 270 3.66 -9.97 15.47
CA GLU A 270 3.18 -10.49 14.18
C GLU A 270 3.80 -9.71 12.99
N GLN A 271 4.75 -10.31 12.30
CA GLN A 271 5.49 -9.62 11.25
C GLN A 271 4.60 -9.13 10.12
N VAL A 272 4.80 -7.85 9.71
CA VAL A 272 4.07 -7.22 8.65
C VAL A 272 4.93 -6.89 7.42
N VAL A 273 6.21 -6.59 7.61
CA VAL A 273 7.05 -6.19 6.52
C VAL A 273 8.21 -7.21 6.36
N TRP A 274 8.46 -7.60 5.13
CA TRP A 274 9.63 -8.42 4.77
C TRP A 274 10.50 -7.65 3.80
N ALA A 275 11.80 -7.58 4.05
CA ALA A 275 12.68 -6.90 3.11
C ALA A 275 13.94 -7.74 2.89
N TYR A 276 14.41 -7.77 1.66
CA TYR A 276 15.60 -8.56 1.26
C TYR A 276 16.55 -7.71 0.47
N VAL A 277 17.84 -7.83 0.75
CA VAL A 277 18.84 -7.09 -0.01
C VAL A 277 19.73 -8.07 -0.79
N VAL A 278 20.33 -7.56 -1.85
CA VAL A 278 21.33 -8.31 -2.58
C VAL A 278 22.69 -7.74 -2.25
N GLU A 279 23.48 -8.53 -1.52
CA GLU A 279 24.86 -8.17 -1.16
C GLU A 279 25.78 -8.76 -2.21
N ASP A 280 26.37 -7.91 -3.02
CA ASP A 280 27.17 -8.39 -4.17
C ASP A 280 28.29 -9.30 -3.65
N PRO A 281 28.39 -10.54 -4.16
CA PRO A 281 29.39 -11.48 -3.63
C PRO A 281 30.85 -10.97 -3.75
N GLU A 282 31.13 -10.19 -4.80
CA GLU A 282 32.46 -9.60 -5.04
C GLU A 282 32.73 -8.38 -4.18
N THR A 283 31.85 -7.38 -4.26
CA THR A 283 32.11 -6.11 -3.61
C THR A 283 31.51 -5.98 -2.23
N HIS A 284 30.50 -6.79 -1.95
CA HIS A 284 29.72 -6.74 -0.69
C HIS A 284 28.95 -5.42 -0.51
N LYS A 285 28.77 -4.69 -1.60
CA LYS A 285 27.88 -3.52 -1.62
C LYS A 285 26.46 -4.03 -1.94
N ILE A 286 25.46 -3.32 -1.45
CA ILE A 286 24.09 -3.68 -1.76
C ILE A 286 23.72 -3.13 -3.11
N THR A 287 23.39 -4.03 -4.04
CA THR A 287 23.15 -3.68 -5.40
C THR A 287 21.66 -3.73 -5.77
N ASP A 288 20.87 -4.40 -4.96
CA ASP A 288 19.43 -4.57 -5.20
C ASP A 288 18.72 -4.75 -3.87
N PHE A 289 17.40 -4.50 -3.88
CA PHE A 289 16.59 -4.91 -2.74
C PHE A 289 15.15 -4.98 -3.18
N PHE A 290 14.35 -5.71 -2.41
CA PHE A 290 12.91 -5.71 -2.61
C PHE A 290 12.21 -5.97 -1.28
N SER A 291 10.92 -5.67 -1.23
CA SER A 291 10.17 -5.84 0.02
C SER A 291 8.69 -6.14 -0.31
N PHE A 292 7.99 -6.72 0.63
CA PHE A 292 6.56 -6.93 0.52
C PHE A 292 5.92 -7.00 1.91
N TYR A 293 4.63 -6.69 1.98
CA TYR A 293 3.97 -6.63 3.25
C TYR A 293 2.78 -7.62 3.30
N ASN A 294 2.42 -7.99 4.51
CA ASN A 294 1.34 -8.91 4.86
C ASN A 294 0.02 -8.17 5.04
N LEU A 295 -0.93 -8.41 4.15
CA LEU A 295 -2.27 -7.92 4.33
C LEU A 295 -3.29 -9.02 4.01
N GLU A 296 -3.93 -9.53 5.06
CA GLU A 296 -4.91 -10.60 4.90
C GLU A 296 -6.23 -10.03 4.42
N SER A 297 -7.03 -10.90 3.80
CA SER A 297 -8.42 -10.61 3.52
C SER A 297 -9.30 -11.64 4.20
N THR A 298 -10.35 -11.20 4.84
CA THR A 298 -11.40 -12.09 5.37
C THR A 298 -12.16 -12.68 4.20
N VAL A 299 -12.32 -14.00 4.19
CA VAL A 299 -13.19 -14.70 3.23
C VAL A 299 -14.57 -14.74 3.91
N ILE A 300 -15.48 -13.98 3.36
CA ILE A 300 -16.70 -13.66 4.06
C ILE A 300 -17.60 -14.88 4.34
N GLN A 301 -17.83 -15.71 3.34
CA GLN A 301 -18.65 -16.93 3.63
C GLN A 301 -18.13 -18.10 2.85
N ASN A 302 -17.46 -19.01 3.55
CA ASN A 302 -16.82 -20.19 2.94
C ASN A 302 -16.57 -21.22 3.99
N PRO A 303 -17.08 -22.46 3.80
CA PRO A 303 -16.93 -23.48 4.85
C PRO A 303 -15.51 -24.00 5.02
N LYS A 304 -14.69 -23.78 4.00
CA LYS A 304 -13.37 -24.34 3.92
C LYS A 304 -12.26 -23.40 4.40
N HIS A 305 -12.48 -22.08 4.31
CA HIS A 305 -11.44 -21.10 4.62
C HIS A 305 -12.10 -19.82 5.14
N ASP A 306 -11.41 -19.12 5.99
CA ASP A 306 -11.97 -17.81 6.40
C ASP A 306 -11.02 -16.64 6.19
N ASN A 307 -9.82 -16.90 5.67
CA ASN A 307 -8.99 -15.79 5.21
C ASN A 307 -8.03 -16.16 4.09
N VAL A 308 -7.59 -15.14 3.37
CA VAL A 308 -6.52 -15.23 2.39
C VAL A 308 -5.33 -14.45 2.91
N ARG A 309 -4.15 -15.07 2.90
CA ARG A 309 -2.96 -14.42 3.39
C ARG A 309 -2.21 -13.91 2.18
N ALA A 310 -2.32 -12.61 1.93
CA ALA A 310 -1.76 -12.01 0.74
C ALA A 310 -0.45 -11.24 1.07
N ALA A 311 0.53 -11.37 0.19
CA ALA A 311 1.71 -10.53 0.26
C ALA A 311 1.57 -9.49 -0.83
N TYR A 312 1.87 -8.23 -0.53
CA TYR A 312 1.82 -7.17 -1.54
C TYR A 312 3.25 -6.70 -1.81
N LEU A 313 3.64 -6.64 -3.07
CA LEU A 313 4.88 -6.04 -3.45
C LEU A 313 4.94 -4.56 -2.97
N TYR A 314 6.03 -4.20 -2.32
CA TYR A 314 6.17 -2.83 -1.78
C TYR A 314 7.28 -2.12 -2.53
N TYR A 315 8.30 -1.63 -1.85
CA TYR A 315 9.39 -0.95 -2.55
C TYR A 315 10.54 -1.89 -2.92
N TYR A 316 11.24 -1.51 -3.97
CA TYR A 316 12.39 -2.22 -4.45
C TYR A 316 13.29 -1.28 -5.23
N ALA A 317 14.48 -1.73 -5.55
CA ALA A 317 15.43 -0.93 -6.35
C ALA A 317 16.55 -1.84 -6.87
N THR A 318 17.19 -1.40 -7.95
CA THR A 318 18.33 -2.15 -8.45
C THR A 318 19.26 -1.20 -9.18
N GLU A 319 20.57 -1.40 -8.99
CA GLU A 319 21.58 -0.60 -9.71
C GLU A 319 21.48 -0.77 -11.21
N THR A 320 21.00 -1.92 -11.65
CA THR A 320 20.91 -2.19 -13.08
C THR A 320 20.09 -1.14 -13.77
N ALA A 321 19.13 -0.55 -13.05
CA ALA A 321 18.24 0.48 -13.62
C ALA A 321 18.96 1.66 -14.28
N PHE A 322 20.12 1.98 -13.76
CA PHE A 322 20.77 3.24 -14.07
C PHE A 322 21.64 3.17 -15.32
N THR A 323 21.83 1.96 -15.84
CA THR A 323 22.46 1.78 -17.14
C THR A 323 21.49 2.19 -18.26
N ASN A 324 20.21 2.31 -17.92
CA ASN A 324 19.15 2.67 -18.88
C ASN A 324 19.00 1.67 -20.02
N ASN A 325 19.48 0.48 -19.77
CA ASN A 325 19.32 -0.62 -20.71
C ASN A 325 18.13 -1.43 -20.29
N MET A 326 17.04 -1.27 -21.04
CA MET A 326 15.74 -1.82 -20.71
C MET A 326 15.73 -3.36 -20.60
N LYS A 327 16.38 -4.03 -21.54
CA LYS A 327 16.46 -5.48 -21.53
C LYS A 327 17.23 -6.00 -20.31
N ALA A 328 18.28 -5.30 -19.91
CA ALA A 328 19.04 -5.72 -18.75
C ALA A 328 18.19 -5.50 -17.45
N LEU A 329 17.51 -4.37 -17.39
CA LEU A 329 16.63 -4.10 -16.24
C LEU A 329 15.53 -5.18 -16.17
N LYS A 330 14.89 -5.46 -17.30
CA LYS A 330 13.88 -6.54 -17.33
C LYS A 330 14.43 -7.87 -16.85
N GLU A 331 15.61 -8.22 -17.33
CA GLU A 331 16.23 -9.45 -16.89
C GLU A 331 16.48 -9.49 -15.40
N ARG A 332 17.00 -8.39 -14.84
CA ARG A 332 17.36 -8.39 -13.44
C ARG A 332 16.09 -8.48 -12.60
N LEU A 333 15.04 -7.74 -12.99
CA LEU A 333 13.78 -7.81 -12.24
C LEU A 333 13.11 -9.18 -12.29
N LEU A 334 13.24 -9.87 -13.44
CA LEU A 334 12.66 -11.21 -13.58
C LEU A 334 13.24 -12.15 -12.57
N MET A 335 14.55 -12.06 -12.34
CA MET A 335 15.20 -12.86 -11.35
C MET A 335 14.86 -12.42 -9.90
N LEU A 336 14.98 -11.14 -9.64
CA LEU A 336 14.69 -10.60 -8.31
C LEU A 336 13.26 -10.91 -7.88
N MET A 337 12.31 -10.68 -8.76
CA MET A 337 10.90 -10.81 -8.38
C MET A 337 10.45 -12.25 -8.34
N ASN A 338 11.07 -13.15 -9.13
CA ASN A 338 10.73 -14.54 -8.95
C ASN A 338 11.22 -14.98 -7.60
N ASP A 339 12.38 -14.49 -7.17
CA ASP A 339 12.86 -14.75 -5.82
C ASP A 339 11.90 -14.22 -4.75
N ALA A 340 11.28 -13.07 -5.02
CA ALA A 340 10.30 -12.53 -4.08
C ALA A 340 9.10 -13.50 -3.96
N LEU A 341 8.62 -14.02 -5.09
CA LEU A 341 7.56 -15.01 -5.05
C LEU A 341 7.97 -16.26 -4.26
N ILE A 342 9.17 -16.74 -4.51
CA ILE A 342 9.67 -17.91 -3.78
C ILE A 342 9.73 -17.64 -2.28
N LEU A 343 10.21 -16.47 -1.88
CA LEU A 343 10.28 -16.15 -0.47
C LEU A 343 8.93 -15.98 0.15
N ALA A 344 8.00 -15.37 -0.58
CA ALA A 344 6.66 -15.19 -0.08
C ALA A 344 5.95 -16.55 0.11
N LYS A 345 6.16 -17.44 -0.83
CA LYS A 345 5.63 -18.81 -0.67
C LYS A 345 6.18 -19.50 0.57
N LYS A 346 7.49 -19.37 0.78
CA LYS A 346 8.10 -20.00 1.96
C LYS A 346 7.53 -19.44 3.25
N ALA A 347 7.16 -18.16 3.23
CA ALA A 347 6.54 -17.54 4.40
C ALA A 347 5.04 -17.79 4.47
N HIS A 348 4.56 -18.71 3.63
CA HIS A 348 3.20 -19.26 3.67
C HIS A 348 2.12 -18.29 3.21
N PHE A 349 2.48 -17.38 2.32
CA PHE A 349 1.49 -16.56 1.69
C PHE A 349 0.76 -17.33 0.60
N ASP A 350 -0.51 -16.99 0.40
CA ASP A 350 -1.38 -17.64 -0.61
C ASP A 350 -1.29 -17.02 -1.99
N VAL A 351 -1.01 -15.70 -2.04
CA VAL A 351 -1.05 -14.93 -3.28
C VAL A 351 -0.07 -13.75 -3.13
N PHE A 352 0.43 -13.25 -4.24
CA PHE A 352 1.36 -12.13 -4.27
C PHE A 352 0.84 -11.05 -5.20
N ASN A 353 0.52 -9.90 -4.62
CA ASN A 353 -0.20 -8.86 -5.34
C ASN A 353 0.77 -7.71 -5.69
N ALA A 354 0.59 -7.14 -6.87
CA ALA A 354 1.36 -5.99 -7.30
C ALA A 354 0.44 -5.07 -8.13
N LEU A 355 0.87 -3.81 -8.27
CA LEU A 355 0.19 -2.86 -9.11
C LEU A 355 1.08 -2.63 -10.34
N THR A 356 0.60 -1.91 -11.34
CA THR A 356 1.36 -1.62 -12.56
C THR A 356 2.32 -0.42 -12.45
N LEU A 357 2.54 0.07 -11.23
CA LEU A 357 3.46 1.14 -10.96
C LEU A 357 4.93 0.72 -10.97
N HIS A 358 5.83 1.64 -10.65
CA HIS A 358 7.28 1.38 -10.70
C HIS A 358 7.64 0.82 -12.11
N ASP A 359 8.53 -0.16 -12.17
CA ASP A 359 8.85 -0.81 -13.47
C ASP A 359 8.11 -2.12 -13.58
N ASN A 360 7.05 -2.31 -12.77
CA ASN A 360 6.41 -3.60 -12.68
C ASN A 360 5.88 -4.20 -14.02
N PRO A 361 5.43 -3.35 -14.96
CA PRO A 361 5.07 -3.92 -16.26
C PRO A 361 6.15 -4.73 -16.97
N LEU A 362 7.40 -4.54 -16.59
CA LEU A 362 8.50 -5.34 -17.14
C LEU A 362 8.45 -6.82 -16.78
N PHE A 363 7.78 -7.17 -15.67
CA PHE A 363 7.81 -8.55 -15.21
C PHE A 363 6.50 -9.22 -14.85
N LEU A 364 5.42 -8.45 -14.65
CA LEU A 364 4.17 -9.00 -14.17
C LEU A 364 3.64 -10.19 -14.97
N GLU A 365 3.50 -10.01 -16.26
CA GLU A 365 2.87 -11.07 -17.09
C GLU A 365 3.78 -12.30 -17.23
N GLN A 366 5.06 -12.10 -17.46
CA GLN A 366 5.96 -13.23 -17.67
C GLN A 366 6.20 -14.05 -16.38
N LEU A 367 5.93 -13.45 -15.22
CA LEU A 367 6.02 -14.14 -13.95
C LEU A 367 4.70 -14.71 -13.49
N LYS A 368 3.72 -14.66 -14.40
CA LYS A 368 2.44 -15.31 -14.24
C LYS A 368 1.52 -14.63 -13.19
N PHE A 369 1.64 -13.30 -13.09
CA PHE A 369 0.66 -12.54 -12.35
C PHE A 369 -0.57 -12.46 -13.27
N GLY A 370 -1.73 -12.77 -12.76
CA GLY A 370 -2.97 -12.65 -13.50
C GLY A 370 -3.58 -11.26 -13.36
N ALA A 371 -4.09 -10.70 -14.45
CA ALA A 371 -4.69 -9.37 -14.40
C ALA A 371 -5.89 -9.33 -13.51
N GLY A 372 -5.92 -8.37 -12.58
CA GLY A 372 -7.04 -8.26 -11.68
C GLY A 372 -8.18 -7.45 -12.24
N ASP A 373 -9.32 -7.51 -11.58
CA ASP A 373 -10.42 -6.64 -11.90
C ASP A 373 -10.23 -5.24 -11.32
N GLY A 374 -9.36 -5.13 -10.34
CA GLY A 374 -9.21 -3.91 -9.57
C GLY A 374 -8.33 -2.86 -10.23
N GLN A 375 -8.76 -1.61 -10.09
CA GLN A 375 -7.94 -0.45 -10.39
C GLN A 375 -7.77 0.39 -9.10
N LEU A 376 -6.59 0.94 -8.93
CA LEU A 376 -6.35 1.88 -7.81
C LEU A 376 -6.05 3.26 -8.37
N HIS A 377 -6.85 4.24 -7.96
CA HIS A 377 -6.69 5.62 -8.43
C HIS A 377 -5.91 6.45 -7.42
N PHE A 378 -5.03 7.30 -7.95
CA PHE A 378 -4.17 8.11 -7.11
C PHE A 378 -4.59 9.56 -7.21
N TYR A 379 -4.61 10.26 -6.06
CA TYR A 379 -5.11 11.63 -6.01
C TYR A 379 -4.17 12.53 -5.20
N LEU A 380 -4.12 13.80 -5.61
CA LEU A 380 -3.49 14.82 -4.80
C LEU A 380 -4.54 15.88 -4.40
N TYR A 381 -4.50 16.32 -3.13
CA TYR A 381 -5.36 17.37 -2.63
C TYR A 381 -4.58 18.70 -2.60
N ASN A 382 -5.17 19.73 -3.20
CA ASN A 382 -4.63 21.09 -3.22
C ASN A 382 -3.26 21.13 -3.89
N TYR A 383 -3.11 20.34 -4.93
CA TYR A 383 -1.92 20.36 -5.73
C TYR A 383 -2.27 19.92 -7.16
N ARG A 384 -1.86 20.73 -8.10
CA ARG A 384 -2.15 20.53 -9.50
C ARG A 384 -0.86 20.09 -10.17
N THR A 385 -0.98 19.03 -10.97
CA THR A 385 0.13 18.59 -11.84
C THR A 385 -0.45 17.82 -12.98
N ALA A 386 0.31 17.71 -14.08
CA ALA A 386 -0.21 16.93 -15.24
C ALA A 386 -0.37 15.46 -14.84
N PRO A 387 -1.32 14.77 -15.45
CA PRO A 387 -1.46 13.34 -15.18
C PRO A 387 -0.17 12.58 -15.42
N VAL A 388 -0.01 11.50 -14.67
CA VAL A 388 1.18 10.77 -14.60
C VAL A 388 0.89 9.35 -15.10
N PRO A 389 1.80 8.79 -15.94
CA PRO A 389 1.50 7.46 -16.49
C PRO A 389 1.44 6.41 -15.35
N GLY A 390 0.52 5.46 -15.48
CA GLY A 390 0.30 4.48 -14.44
C GLY A 390 0.66 3.04 -14.79
N GLY A 391 1.48 2.85 -15.83
CA GLY A 391 1.93 1.51 -16.15
C GLY A 391 1.05 0.76 -17.14
N VAL A 392 -0.06 1.35 -17.56
CA VAL A 392 -0.99 0.66 -18.45
C VAL A 392 -1.30 1.56 -19.65
N ASN A 393 -1.68 0.91 -20.75
CA ASN A 393 -2.13 1.64 -21.93
C ASN A 393 -3.65 1.86 -21.89
N GLU A 394 -4.21 2.29 -23.02
CA GLU A 394 -5.65 2.55 -23.11
C GLU A 394 -6.49 1.30 -23.07
N LYS A 395 -5.89 0.14 -23.24
CA LYS A 395 -6.64 -1.11 -23.06
C LYS A 395 -6.54 -1.65 -21.63
N ASN A 396 -5.94 -0.85 -20.75
CA ASN A 396 -5.66 -1.26 -19.36
C ASN A 396 -4.73 -2.47 -19.21
N LEU A 397 -3.76 -2.58 -20.11
CA LEU A 397 -2.78 -3.64 -20.09
C LEU A 397 -1.43 -3.06 -19.78
N PRO A 398 -0.54 -3.84 -19.14
CA PRO A 398 0.80 -3.35 -18.85
C PRO A 398 1.54 -2.92 -20.11
N ASP A 399 2.27 -1.83 -20.00
CA ASP A 399 2.95 -1.24 -21.16
C ASP A 399 4.27 -0.62 -20.73
N GLU A 400 5.37 -1.09 -21.28
CA GLU A 400 6.69 -0.59 -20.89
C GLU A 400 6.93 0.84 -21.32
N LYS A 401 6.05 1.39 -22.14
CA LYS A 401 6.19 2.79 -22.58
C LYS A 401 5.36 3.73 -21.72
N ARG A 402 4.70 3.18 -20.69
CA ARG A 402 3.84 3.97 -19.82
C ARG A 402 4.31 3.86 -18.35
N MET A 403 5.59 3.64 -18.12
CA MET A 403 6.13 3.61 -16.79
C MET A 403 6.68 4.99 -16.47
N GLY A 404 7.58 5.06 -15.48
CA GLY A 404 8.27 6.25 -15.11
C GLY A 404 7.37 7.27 -14.43
N GLY A 405 6.21 6.83 -13.99
CA GLY A 405 5.16 7.75 -13.53
C GLY A 405 4.90 7.63 -12.03
N VAL A 406 4.32 6.51 -11.64
CA VAL A 406 3.95 6.29 -10.20
C VAL A 406 5.04 5.57 -9.45
N GLY A 407 5.65 6.25 -8.50
CA GLY A 407 6.75 5.74 -7.69
C GLY A 407 6.45 5.72 -6.21
N ILE A 408 5.16 5.74 -5.85
CA ILE A 408 4.76 5.63 -4.44
C ILE A 408 3.77 4.53 -4.25
N VAL A 409 3.95 3.75 -3.18
CA VAL A 409 3.05 2.65 -2.90
C VAL A 409 2.33 3.01 -1.60
N MET A 410 0.99 3.03 -1.62
CA MET A 410 0.28 3.33 -0.40
C MET A 410 -0.42 2.05 0.11
N LEU A 411 -0.62 1.97 1.41
CA LEU A 411 -1.04 0.73 2.07
C LEU A 411 -2.54 0.46 2.10
S1 MYA B . -10.05 4.88 0.45
C2 MYA B . -10.89 3.64 1.45
C3 MYA B . -12.33 4.04 1.58
N4 MYA B . -12.98 3.10 2.47
C5 MYA B . -13.76 2.07 2.15
O5 MYA B . -14.01 1.77 0.96
C6 MYA B . -14.36 1.28 3.25
C7 MYA B . -15.77 0.76 2.91
N8 MYA B . -16.64 1.86 2.65
C9 MYA B . -17.03 2.80 3.52
O9 MYA B . -16.66 2.80 4.72
C10 MYA B . -17.95 3.89 3.04
O10 MYA B . -18.69 3.48 1.87
C11 MYA B . -17.18 5.20 2.74
C12 MYA B . -18.17 6.18 2.07
C13 MYA B . -15.99 5.00 1.79
C14 MYA B . -16.72 5.77 4.04
N1A MYA B . -12.84 8.54 -0.86
O1A MYA B . -20.89 9.42 3.66
P1A MYA B . -21.44 9.21 2.24
C1X MYA B . -17.70 10.27 -1.46
C2A MYA B . -13.28 9.82 -0.88
O2A MYA B . -22.94 9.21 2.05
P2A MYA B . -20.78 6.40 2.36
C2M MYA B . -9.38 5.91 1.61
O2M MYA B . -9.33 5.60 2.81
C2X MYA B . -18.76 10.09 -2.55
O2X MYA B . -18.23 10.23 -3.87
N3A MYA B . -14.60 10.11 -1.05
O3A MYA B . -20.86 7.83 1.61
C3M MYA B . -8.87 7.25 1.17
C3X MYA B . -19.80 11.11 -2.22
O3X MYA B . -19.32 12.37 -2.63
P3X MYA B . -20.18 13.53 -3.34
C4A MYA B . -15.50 9.10 -1.18
O4A MYA B . -21.71 6.36 3.52
C4M MYA B . -9.86 8.32 1.56
C4X MYA B . -19.76 11.10 -0.69
O4X MYA B . -18.49 10.49 -0.30
C5A MYA B . -15.04 7.79 -1.15
O5A MYA B . -20.83 5.33 1.32
C5M MYA B . -9.45 9.71 1.05
C5X MYA B . -20.90 10.35 -0.08
O5X MYA B . -20.70 10.28 1.34
C6A MYA B . -13.69 7.54 -0.97
N6A MYA B . -13.24 6.25 -0.95
O6A MYA B . -19.24 6.41 2.93
C6M MYA B . -10.48 10.79 1.45
N7A MYA B . -16.13 6.98 -1.28
O7A MYA B . -20.44 14.64 -2.21
C7M MYA B . -10.17 12.20 0.91
C8A MYA B . -17.24 7.77 -1.44
O8A MYA B . -21.50 12.81 -3.85
C8M MYA B . -8.93 12.85 1.50
N9A MYA B . -16.82 9.08 -1.33
O9A MYA B . -19.25 14.18 -4.45
C9M MYA B . -8.85 14.33 1.10
CAM MYA B . -7.64 15.03 1.74
CBM MYA B . -7.92 15.21 3.21
CCM MYA B . -6.74 15.81 3.94
CDM MYA B . -6.33 17.21 3.38
CEM MYA B . -5.16 17.72 4.21
CFM MYA B . -4.54 18.99 3.66
CAN 75Q C . -6.19 0.23 -1.13
CAL 75Q C . -5.21 1.36 -0.97
NAS 75Q C . -5.48 2.24 0.16
CAM 75Q C . -6.82 2.80 -0.04
CAO 75Q C . -7.91 1.76 -0.23
NBD 75Q C . -7.54 0.80 -1.27
CBB 75Q C . -8.55 0.26 -2.06
CAK 75Q C . -8.36 -0.88 -2.82
NAQ 75Q C . -9.74 0.83 -1.93
CAE 75Q C . -10.74 0.40 -2.63
CAF 75Q C . -10.65 -0.70 -3.44
CAY 75Q C . -9.41 -1.31 -3.57
CAZ 75Q C . -9.35 -2.45 -4.34
CAJ 75Q C . -8.40 -3.45 -4.10
CAW 75Q C . -8.42 -4.63 -4.83
CL1 75Q C . -7.19 -5.77 -4.49
CAI 75Q C . -10.32 -2.63 -5.32
CAV 75Q C . -10.33 -3.78 -6.09
CL2 75Q C . -11.59 -3.89 -7.32
CBC 75Q C . -9.37 -4.77 -5.89
OAT 75Q C . -9.42 -5.96 -6.59
CAP 75Q C . -10.58 -6.68 -6.00
CBA 75Q C . -10.68 -6.82 -4.59
CAH 75Q C . -11.34 -5.84 -3.83
CAG 75Q C . -11.41 -5.94 -2.46
CAU 75Q C . -10.88 -7.08 -1.84
CAA 75Q C . -10.99 -7.21 -0.33
NAR 75Q C . -10.29 -8.03 -2.57
CAX 75Q C . -10.16 -7.92 -3.91
CAB 75Q C . -9.48 -9.04 -4.70
#